data_4EYJ
#
_entry.id   4EYJ
#
_cell.length_a   60.855
_cell.length_b   69.955
_cell.length_c   92.807
_cell.angle_alpha   90.00
_cell.angle_beta   90.00
_cell.angle_gamma   90.00
#
_symmetry.space_group_name_H-M   'P 21 21 21'
#
loop_
_entity.id
_entity.type
_entity.pdbx_description
1 polymer 'Mitogen-activated protein kinase 13'
2 non-polymer 1-(3-tert-butyl-1-methyl-1H-pyrazol-5-yl)-3-[4-(pyridin-4-yloxy)phenyl]urea
3 water water
#
_entity_poly.entity_id   1
_entity_poly.type   'polypeptide(L)'
_entity_poly.pdbx_seq_one_letter_code
;MGSSHHHHHHSSGLVPRGSMSLIRKKGFYKQDVNKTAWELPKTYVSPTHVGSGAYGSVCSAIDKRSGEKVAIKKLSRPFQ
SEIFAKRAYRELLLLKHMQHENVIGLLDVFTPASSLRNFYDFYLVMPFMQTDLQKIMGMEFSEEKIQYLVYQMLKGLKYI
HSAGVVHRDLKPGNLAVNEDCELKILDFGLARHADAEMTGYVVTRWYRAPEVILSWMHYNQTVDIWSVGCIMAEMLTGKT
LFKGKDYLDQLTQILKVTGVPGTEFVQKLNDKAAKSYIQSLPQTPRKDFTQLFPRASPQAADLLEKMLELDVDKRLTAAQ
ALTHPFFEPFRDPEEETEAQQPFDDSLEHEKLTVDEWKQHIYKEIVNFSPI
;
_entity_poly.pdbx_strand_id   A
#
# COMPACT_ATOMS: atom_id res chain seq x y z
N SER A 21 33.70 -19.93 11.77
CA SER A 21 33.41 -19.73 10.36
C SER A 21 32.55 -20.86 9.78
N LEU A 22 31.50 -20.49 9.05
CA LEU A 22 30.51 -21.46 8.57
C LEU A 22 30.04 -21.12 7.16
N ILE A 23 29.31 -22.06 6.53
CA ILE A 23 28.68 -21.78 5.25
C ILE A 23 27.36 -21.07 5.51
N ARG A 24 26.64 -21.54 6.53
CA ARG A 24 25.40 -20.92 6.95
C ARG A 24 25.14 -21.28 8.40
N LYS A 25 24.23 -20.54 9.04
CA LYS A 25 23.87 -20.80 10.44
C LYS A 25 23.36 -22.22 10.64
N LYS A 26 23.62 -22.78 11.82
CA LYS A 26 23.17 -24.12 12.16
C LYS A 26 21.65 -24.16 12.22
N GLY A 27 21.06 -25.22 11.70
CA GLY A 27 19.61 -25.34 11.70
C GLY A 27 18.99 -24.69 10.49
N PHE A 28 19.83 -24.30 9.54
CA PHE A 28 19.37 -23.79 8.26
C PHE A 28 19.53 -24.86 7.20
N TYR A 29 18.48 -25.07 6.42
CA TYR A 29 18.54 -26.04 5.34
C TYR A 29 18.46 -25.35 3.98
N LYS A 30 19.06 -25.98 2.98
CA LYS A 30 19.13 -25.45 1.63
C LYS A 30 18.07 -26.13 0.78
N GLN A 31 17.32 -25.35 0.00
CA GLN A 31 16.22 -25.91 -0.79
C GLN A 31 15.81 -25.02 -1.96
N ASP A 32 15.58 -25.63 -3.11
CA ASP A 32 15.15 -24.90 -4.29
C ASP A 32 13.66 -24.58 -4.27
N VAL A 33 13.33 -23.33 -4.54
CA VAL A 33 11.95 -22.91 -4.71
C VAL A 33 11.84 -22.04 -5.94
N ASN A 34 10.94 -22.42 -6.85
CA ASN A 34 10.80 -21.75 -8.13
C ASN A 34 12.15 -21.68 -8.84
N LYS A 35 12.89 -22.78 -8.80
CA LYS A 35 14.16 -22.93 -9.50
C LYS A 35 15.29 -22.00 -9.00
N THR A 36 15.08 -21.39 -7.84
CA THR A 36 16.15 -20.65 -7.15
C THR A 36 16.41 -21.31 -5.80
N ALA A 37 17.61 -21.13 -5.27
CA ALA A 37 17.97 -21.71 -3.98
C ALA A 37 17.52 -20.82 -2.83
N TRP A 38 16.85 -21.43 -1.85
CA TRP A 38 16.44 -20.72 -0.64
C TRP A 38 17.18 -21.30 0.58
N GLU A 39 17.39 -20.48 1.60
CA GLU A 39 18.00 -20.94 2.83
C GLU A 39 17.10 -20.62 4.02
N LEU A 40 16.37 -21.64 4.49
CA LEU A 40 15.38 -21.44 5.53
C LEU A 40 15.76 -22.15 6.83
N PRO A 41 15.39 -21.56 7.98
CA PRO A 41 15.56 -22.22 9.26
C PRO A 41 14.69 -23.48 9.32
N LYS A 42 15.06 -24.45 10.15
CA LYS A 42 14.34 -25.72 10.21
C LYS A 42 12.87 -25.57 10.63
N THR A 43 12.54 -24.48 11.32
CA THR A 43 11.19 -24.29 11.82
C THR A 43 10.19 -24.04 10.67
N TYR A 44 10.70 -23.52 9.56
CA TYR A 44 9.84 -23.26 8.40
C TYR A 44 9.98 -24.37 7.39
N VAL A 45 8.88 -25.06 7.10
CA VAL A 45 8.90 -26.18 6.17
C VAL A 45 7.86 -26.05 5.07
N SER A 46 7.93 -26.99 4.12
CA SER A 46 7.09 -26.98 2.91
C SER A 46 7.06 -25.64 2.17
N PRO A 47 8.25 -25.12 1.77
CA PRO A 47 8.26 -23.87 1.03
C PRO A 47 7.61 -24.01 -0.35
N THR A 48 6.74 -23.07 -0.71
CA THR A 48 6.00 -23.17 -1.96
C THR A 48 5.97 -21.81 -2.66
N HIS A 49 6.44 -21.78 -3.90
CA HIS A 49 6.53 -20.54 -4.67
C HIS A 49 5.19 -19.80 -4.77
N VAL A 50 5.23 -18.50 -4.49
CA VAL A 50 4.04 -17.66 -4.60
C VAL A 50 4.19 -16.70 -5.78
N GLY A 51 5.28 -15.95 -5.81
CA GLY A 51 5.52 -15.03 -6.89
C GLY A 51 6.92 -14.45 -6.90
N SER A 52 7.33 -13.97 -8.06
CA SER A 52 8.62 -13.30 -8.25
C SER A 52 8.39 -11.81 -8.39
N GLY A 53 9.32 -11.02 -7.86
CA GLY A 53 9.15 -9.57 -7.84
C GLY A 53 10.31 -8.78 -8.38
N ALA A 54 10.25 -7.47 -8.20
CA ALA A 54 11.27 -6.57 -8.70
C ALA A 54 12.50 -6.56 -7.79
N TYR A 55 12.27 -6.76 -6.50
CA TYR A 55 13.33 -6.62 -5.51
C TYR A 55 13.51 -7.89 -4.69
N GLY A 56 12.67 -8.89 -4.96
CA GLY A 56 12.77 -10.16 -4.27
C GLY A 56 11.81 -11.20 -4.81
N SER A 57 11.56 -12.23 -4.01
CA SER A 57 10.63 -13.29 -4.38
C SER A 57 9.94 -13.85 -3.14
N VAL A 58 8.71 -14.32 -3.30
CA VAL A 58 7.91 -14.76 -2.16
C VAL A 58 7.57 -16.25 -2.24
N CYS A 59 7.54 -16.90 -1.09
CA CYS A 59 7.02 -18.24 -0.99
C CYS A 59 6.12 -18.34 0.24
N SER A 60 5.31 -19.38 0.30
CA SER A 60 4.55 -19.67 1.52
C SER A 60 5.24 -20.78 2.29
N ALA A 61 5.11 -20.75 3.61
CA ALA A 61 5.71 -21.77 4.46
C ALA A 61 4.82 -22.13 5.64
N ILE A 62 5.00 -23.33 6.17
CA ILE A 62 4.32 -23.73 7.40
C ILE A 62 5.28 -23.63 8.59
N ASP A 63 4.90 -22.81 9.58
CA ASP A 63 5.64 -22.74 10.84
C ASP A 63 5.31 -23.97 11.69
N LYS A 64 6.21 -24.93 11.73
CA LYS A 64 5.96 -26.20 12.41
C LYS A 64 5.66 -26.02 13.90
N ARG A 65 6.09 -24.88 14.47
CA ARG A 65 5.89 -24.62 15.89
C ARG A 65 4.41 -24.52 16.25
N SER A 66 3.62 -23.95 15.35
CA SER A 66 2.20 -23.72 15.60
C SER A 66 1.32 -24.10 14.42
N GLY A 67 1.93 -24.52 13.32
CA GLY A 67 1.17 -25.03 12.20
C GLY A 67 0.57 -23.96 11.32
N GLU A 68 0.86 -22.70 11.60
CA GLU A 68 0.30 -21.60 10.80
C GLU A 68 1.05 -21.40 9.48
N LYS A 69 0.28 -21.08 8.42
CA LYS A 69 0.86 -20.81 7.11
C LYS A 69 1.32 -19.37 7.05
N VAL A 70 2.56 -19.17 6.62
CA VAL A 70 3.13 -17.83 6.56
C VAL A 70 3.68 -17.55 5.16
N ALA A 71 3.97 -16.28 4.89
CA ALA A 71 4.61 -15.92 3.65
C ALA A 71 6.02 -15.46 3.94
N ILE A 72 6.96 -15.81 3.07
CA ILE A 72 8.35 -15.40 3.26
C ILE A 72 8.89 -14.74 2.00
N LYS A 73 9.38 -13.51 2.17
CA LYS A 73 10.00 -12.79 1.08
C LYS A 73 11.52 -12.91 1.16
N LYS A 74 12.13 -13.40 0.08
CA LYS A 74 13.58 -13.47 -0.01
C LYS A 74 14.05 -12.22 -0.72
N LEU A 75 14.93 -11.47 -0.07
CA LEU A 75 15.45 -10.26 -0.69
C LEU A 75 16.47 -10.65 -1.76
N SER A 76 16.33 -10.07 -2.95
CA SER A 76 17.23 -10.38 -4.05
C SER A 76 18.33 -9.35 -4.18
N ARG A 77 19.57 -9.79 -3.96
CA ARG A 77 20.76 -8.94 -4.02
C ARG A 77 20.52 -7.53 -3.48
N PRO A 78 20.13 -7.42 -2.19
CA PRO A 78 19.81 -6.11 -1.63
C PRO A 78 21.05 -5.24 -1.51
N PHE A 79 22.23 -5.85 -1.62
CA PHE A 79 23.48 -5.13 -1.42
C PHE A 79 24.19 -4.86 -2.73
N GLN A 80 23.44 -4.91 -3.82
CA GLN A 80 24.02 -4.67 -5.15
C GLN A 80 24.35 -3.20 -5.36
N SER A 81 23.65 -2.33 -4.63
CA SER A 81 23.91 -0.89 -4.71
C SER A 81 23.28 -0.20 -3.51
N GLU A 82 23.76 1.00 -3.23
CA GLU A 82 23.26 1.80 -2.11
C GLU A 82 21.76 1.98 -2.15
N ILE A 83 21.23 2.16 -3.36
CA ILE A 83 19.79 2.35 -3.56
C ILE A 83 19.02 1.12 -3.06
N PHE A 84 19.47 -0.06 -3.49
CA PHE A 84 18.83 -1.32 -3.09
C PHE A 84 18.90 -1.55 -1.59
N ALA A 85 20.06 -1.28 -1.00
CA ALA A 85 20.27 -1.51 0.42
C ALA A 85 19.36 -0.63 1.27
N LYS A 86 19.29 0.66 0.93
CA LYS A 86 18.41 1.60 1.61
C LYS A 86 16.96 1.18 1.46
N ARG A 87 16.60 0.72 0.27
CA ARG A 87 15.25 0.25 0.02
C ARG A 87 14.91 -0.94 0.92
N ALA A 88 15.76 -1.96 0.88
CA ALA A 88 15.56 -3.18 1.67
C ALA A 88 15.51 -2.88 3.16
N TYR A 89 16.35 -1.94 3.60
CA TYR A 89 16.40 -1.53 5.00
C TYR A 89 15.12 -0.81 5.38
N ARG A 90 14.64 0.05 4.47
CA ARG A 90 13.39 0.77 4.70
C ARG A 90 12.19 -0.17 4.88
N GLU A 91 12.04 -1.15 3.99
CA GLU A 91 10.91 -2.08 4.08
C GLU A 91 10.93 -2.83 5.39
N LEU A 92 12.15 -3.19 5.82
CA LEU A 92 12.34 -3.90 7.06
C LEU A 92 11.89 -3.08 8.26
N LEU A 93 12.21 -1.79 8.25
CA LEU A 93 11.85 -0.91 9.36
C LEU A 93 10.35 -0.59 9.41
N LEU A 94 9.76 -0.36 8.24
CA LEU A 94 8.33 -0.09 8.15
C LEU A 94 7.52 -1.25 8.72
N LEU A 95 7.81 -2.45 8.24
CA LEU A 95 7.10 -3.65 8.67
C LEU A 95 7.26 -3.90 10.16
N LYS A 96 8.47 -3.64 10.67
CA LYS A 96 8.73 -3.75 12.11
C LYS A 96 7.87 -2.76 12.89
N HIS A 97 7.76 -1.55 12.36
CA HIS A 97 7.14 -0.44 13.08
C HIS A 97 5.61 -0.50 13.10
N MET A 98 5.02 -0.99 12.01
CA MET A 98 3.56 -0.99 11.88
C MET A 98 2.95 -2.17 12.63
N GLN A 99 2.06 -1.85 13.57
CA GLN A 99 1.41 -2.87 14.39
C GLN A 99 -0.10 -2.66 14.33
N HIS A 100 -0.72 -3.17 13.27
CA HIS A 100 -2.14 -2.94 13.04
C HIS A 100 -2.73 -4.10 12.26
N GLU A 101 -3.99 -4.39 12.52
CA GLU A 101 -4.68 -5.55 11.98
C GLU A 101 -4.79 -5.49 10.46
N ASN A 102 -4.94 -4.28 9.93
CA ASN A 102 -5.13 -4.10 8.49
C ASN A 102 -3.90 -3.56 7.76
N VAL A 103 -2.74 -3.77 8.37
CA VAL A 103 -1.47 -3.45 7.75
C VAL A 103 -0.59 -4.70 7.82
N ILE A 104 0.08 -5.03 6.73
CA ILE A 104 0.94 -6.23 6.73
C ILE A 104 2.07 -6.05 7.74
N GLY A 105 2.39 -7.10 8.49
CA GLY A 105 3.34 -6.99 9.56
C GLY A 105 4.44 -8.04 9.58
N LEU A 106 5.49 -7.77 10.34
CA LEU A 106 6.62 -8.67 10.46
C LEU A 106 6.44 -9.67 11.60
N LEU A 107 6.51 -10.96 11.26
CA LEU A 107 6.48 -12.02 12.26
C LEU A 107 7.90 -12.39 12.64
N ASP A 108 8.80 -12.31 11.67
CA ASP A 108 10.17 -12.72 11.87
C ASP A 108 11.08 -12.15 10.79
N VAL A 109 12.38 -12.08 11.09
CA VAL A 109 13.39 -11.63 10.13
C VAL A 109 14.60 -12.50 10.33
N PHE A 110 15.18 -13.00 9.25
CA PHE A 110 16.37 -13.81 9.38
C PHE A 110 17.28 -13.74 8.17
N THR A 111 18.54 -14.12 8.39
CA THR A 111 19.50 -14.33 7.34
C THR A 111 20.27 -15.60 7.67
N PRO A 112 20.61 -16.40 6.65
CA PRO A 112 21.40 -17.61 6.86
C PRO A 112 22.86 -17.28 7.10
N ALA A 113 23.24 -16.04 6.85
CA ALA A 113 24.60 -15.57 7.04
C ALA A 113 25.10 -15.84 8.45
N SER A 114 26.40 -16.00 8.59
CA SER A 114 27.01 -16.21 9.89
C SER A 114 27.97 -15.06 10.23
N SER A 115 28.25 -14.21 9.24
CA SER A 115 29.13 -13.07 9.44
C SER A 115 28.78 -11.95 8.45
N LEU A 116 29.65 -10.95 8.35
CA LEU A 116 29.41 -9.82 7.46
C LEU A 116 29.86 -10.09 6.04
N ARG A 117 30.89 -10.92 5.88
CA ARG A 117 31.32 -11.33 4.56
C ARG A 117 30.30 -12.31 3.99
N ASN A 118 29.68 -13.07 4.89
CA ASN A 118 28.68 -14.06 4.54
C ASN A 118 27.33 -13.43 4.15
N PHE A 119 27.08 -12.23 4.67
CA PHE A 119 25.81 -11.51 4.52
C PHE A 119 25.55 -11.10 3.07
N TYR A 120 24.63 -11.79 2.41
CA TYR A 120 24.31 -11.48 1.02
C TYR A 120 22.84 -11.08 0.87
N ASP A 121 22.01 -11.58 1.77
CA ASP A 121 20.57 -11.31 1.72
C ASP A 121 19.92 -11.57 3.08
N PHE A 122 18.62 -11.34 3.15
CA PHE A 122 17.85 -11.64 4.34
C PHE A 122 16.40 -11.89 3.95
N TYR A 123 15.65 -12.47 4.89
CA TYR A 123 14.29 -12.93 4.63
C TYR A 123 13.32 -12.25 5.58
N LEU A 124 12.11 -11.99 5.10
CA LEU A 124 11.05 -11.45 5.93
C LEU A 124 9.91 -12.44 6.00
N VAL A 125 9.38 -12.63 7.21
CA VAL A 125 8.27 -13.55 7.43
C VAL A 125 7.01 -12.75 7.79
N MET A 126 5.90 -13.04 7.10
CA MET A 126 4.67 -12.28 7.25
C MET A 126 3.47 -13.21 7.28
N PRO A 127 2.34 -12.74 7.82
CA PRO A 127 1.09 -13.51 7.72
C PRO A 127 0.78 -13.80 6.26
N PHE A 128 0.42 -15.04 5.95
CA PHE A 128 0.11 -15.41 4.59
C PHE A 128 -1.27 -14.90 4.20
N MET A 129 -1.34 -14.19 3.08
CA MET A 129 -2.59 -13.67 2.58
C MET A 129 -2.90 -14.31 1.24
N GLN A 130 -4.05 -14.97 1.18
CA GLN A 130 -4.37 -15.83 0.04
C GLN A 130 -4.34 -15.14 -1.31
N THR A 131 -4.90 -13.94 -1.38
CA THR A 131 -5.03 -13.24 -2.65
C THR A 131 -5.06 -11.72 -2.44
N ASP A 132 -5.55 -11.00 -3.42
CA ASP A 132 -5.66 -9.54 -3.32
C ASP A 132 -6.86 -9.04 -4.10
N LEU A 133 -7.15 -7.74 -3.96
CA LEU A 133 -8.35 -7.17 -4.57
C LEU A 133 -8.29 -7.12 -6.08
N GLN A 134 -7.08 -7.00 -6.63
CA GLN A 134 -6.92 -7.00 -8.08
C GLN A 134 -7.43 -8.32 -8.67
N LYS A 135 -7.10 -9.43 -8.01
CA LYS A 135 -7.45 -10.74 -8.52
C LYS A 135 -8.94 -11.07 -8.38
N ILE A 136 -9.56 -10.60 -7.31
CA ILE A 136 -10.96 -10.90 -7.07
C ILE A 136 -11.86 -9.77 -7.57
N MET A 137 -11.25 -8.74 -8.15
CA MET A 137 -11.98 -7.62 -8.74
C MET A 137 -12.83 -8.11 -9.90
N GLY A 138 -14.13 -7.85 -9.83
CA GLY A 138 -15.03 -8.27 -10.90
C GLY A 138 -16.09 -9.26 -10.45
N MET A 139 -16.22 -9.45 -9.14
CA MET A 139 -17.30 -10.25 -8.59
C MET A 139 -18.51 -9.35 -8.24
N GLU A 140 -18.62 -8.24 -8.96
CA GLU A 140 -19.72 -7.27 -8.85
C GLU A 140 -19.75 -6.46 -7.55
N PHE A 141 -19.48 -7.16 -6.44
CA PHE A 141 -19.41 -6.56 -5.11
C PHE A 141 -20.72 -5.94 -4.59
N SER A 142 -21.31 -6.61 -3.62
CA SER A 142 -22.45 -6.06 -2.92
C SER A 142 -21.97 -4.91 -2.05
N GLU A 143 -22.89 -4.07 -1.57
CA GLU A 143 -22.49 -2.93 -0.76
C GLU A 143 -21.91 -3.34 0.58
N GLU A 144 -22.38 -4.45 1.13
CA GLU A 144 -21.89 -4.94 2.42
C GLU A 144 -20.42 -5.30 2.34
N LYS A 145 -20.02 -5.89 1.22
CA LYS A 145 -18.64 -6.31 1.01
C LYS A 145 -17.76 -5.08 0.83
N ILE A 146 -18.26 -4.15 0.03
CA ILE A 146 -17.59 -2.88 -0.20
C ILE A 146 -17.46 -2.09 1.10
N GLN A 147 -18.56 -1.96 1.83
CA GLN A 147 -18.55 -1.38 3.15
C GLN A 147 -17.46 -2.00 4.03
N TYR A 148 -17.43 -3.31 4.07
CA TYR A 148 -16.51 -4.05 4.95
C TYR A 148 -15.06 -3.89 4.56
N LEU A 149 -14.78 -3.97 3.25
CA LEU A 149 -13.41 -3.91 2.76
C LEU A 149 -12.88 -2.48 2.81
N VAL A 150 -13.70 -1.54 2.38
CA VAL A 150 -13.28 -0.14 2.36
C VAL A 150 -13.07 0.35 3.79
N TYR A 151 -13.88 -0.16 4.71
CA TYR A 151 -13.72 0.16 6.14
C TYR A 151 -12.35 -0.27 6.64
N GLN A 152 -11.92 -1.47 6.24
CA GLN A 152 -10.61 -2.00 6.61
C GLN A 152 -9.45 -1.21 5.98
N MET A 153 -9.59 -0.82 4.73
CA MET A 153 -8.59 0.03 4.08
C MET A 153 -8.38 1.30 4.89
N LEU A 154 -9.49 1.93 5.25
CA LEU A 154 -9.45 3.22 5.90
C LEU A 154 -8.81 3.13 7.28
N LYS A 155 -9.09 2.03 7.98
CA LYS A 155 -8.48 1.81 9.28
C LYS A 155 -6.97 1.68 9.13
N GLY A 156 -6.55 0.87 8.16
CA GLY A 156 -5.14 0.70 7.89
C GLY A 156 -4.47 2.01 7.52
N LEU A 157 -5.15 2.81 6.71
CA LEU A 157 -4.63 4.12 6.30
C LEU A 157 -4.60 5.13 7.43
N LYS A 158 -5.58 5.10 8.31
CA LYS A 158 -5.55 5.98 9.47
C LYS A 158 -4.30 5.68 10.30
N TYR A 159 -4.04 4.39 10.52
CA TYR A 159 -2.89 3.96 11.30
C TYR A 159 -1.57 4.44 10.70
N ILE A 160 -1.29 4.09 9.45
CA ILE A 160 -0.02 4.44 8.82
C ILE A 160 0.16 5.96 8.71
N HIS A 161 -0.90 6.66 8.34
CA HIS A 161 -0.86 8.12 8.28
C HIS A 161 -0.55 8.71 9.66
N SER A 162 -1.15 8.11 10.69
CA SER A 162 -0.91 8.56 12.07
C SER A 162 0.55 8.38 12.47
N ALA A 163 1.24 7.49 11.75
CA ALA A 163 2.67 7.29 11.94
C ALA A 163 3.47 8.22 11.04
N GLY A 164 2.77 9.06 10.28
CA GLY A 164 3.42 9.98 9.37
C GLY A 164 3.87 9.33 8.07
N VAL A 165 3.39 8.11 7.81
CA VAL A 165 3.72 7.42 6.57
C VAL A 165 2.56 7.47 5.58
N VAL A 166 2.84 7.90 4.36
CA VAL A 166 1.87 7.89 3.28
C VAL A 166 2.21 6.77 2.32
N HIS A 167 1.19 6.17 1.71
CA HIS A 167 1.41 5.05 0.80
C HIS A 167 1.88 5.51 -0.57
N ARG A 168 1.13 6.45 -1.15
CA ARG A 168 1.44 7.06 -2.45
C ARG A 168 1.14 6.17 -3.66
N ASP A 169 1.08 4.86 -3.47
CA ASP A 169 0.80 3.95 -4.58
C ASP A 169 -0.25 2.88 -4.23
N LEU A 170 -1.37 3.31 -3.68
CA LEU A 170 -2.41 2.37 -3.29
C LEU A 170 -3.22 1.90 -4.50
N LYS A 171 -3.44 0.59 -4.59
CA LYS A 171 -4.13 -0.02 -5.71
C LYS A 171 -4.62 -1.40 -5.28
N PRO A 172 -5.60 -1.97 -6.00
CA PRO A 172 -6.16 -3.28 -5.63
C PRO A 172 -5.10 -4.36 -5.40
N GLY A 173 -4.01 -4.33 -6.16
CA GLY A 173 -2.94 -5.31 -6.00
C GLY A 173 -2.14 -5.11 -4.72
N ASN A 174 -2.20 -3.92 -4.15
CA ASN A 174 -1.58 -3.64 -2.85
C ASN A 174 -2.54 -3.83 -1.71
N LEU A 175 -3.66 -4.49 -1.98
CA LEU A 175 -4.68 -4.77 -0.97
C LEU A 175 -4.93 -6.27 -0.87
N ALA A 176 -4.26 -6.90 0.10
CA ALA A 176 -4.30 -8.35 0.28
C ALA A 176 -5.50 -8.80 1.09
N VAL A 177 -6.13 -9.88 0.65
CA VAL A 177 -7.28 -10.44 1.37
C VAL A 177 -7.22 -11.95 1.51
N ASN A 178 -7.87 -12.46 2.55
CA ASN A 178 -8.02 -13.92 2.68
C ASN A 178 -9.43 -14.36 2.34
N GLU A 179 -9.72 -15.62 2.65
CA GLU A 179 -11.02 -16.21 2.38
C GLU A 179 -12.14 -15.42 3.09
N ASP A 180 -11.90 -15.01 4.33
CA ASP A 180 -12.88 -14.31 5.14
C ASP A 180 -13.00 -12.83 4.78
N CYS A 181 -12.34 -12.47 3.68
CA CYS A 181 -12.27 -11.10 3.21
C CYS A 181 -11.72 -10.18 4.29
N GLU A 182 -10.74 -10.68 5.04
CA GLU A 182 -10.00 -9.83 5.96
C GLU A 182 -8.88 -9.17 5.16
N LEU A 183 -8.70 -7.87 5.36
CA LEU A 183 -7.83 -7.12 4.47
C LEU A 183 -6.57 -6.62 5.17
N LYS A 184 -5.45 -6.66 4.44
CA LYS A 184 -4.21 -6.08 4.88
C LYS A 184 -3.57 -5.23 3.79
N ILE A 185 -3.21 -4.00 4.14
CA ILE A 185 -2.58 -3.08 3.19
C ILE A 185 -1.15 -3.52 2.91
N LEU A 186 -0.78 -3.54 1.62
CA LEU A 186 0.55 -3.91 1.19
C LEU A 186 1.23 -2.78 0.43
N ASP A 187 2.52 -2.95 0.19
CA ASP A 187 3.25 -2.16 -0.80
C ASP A 187 4.28 -3.09 -1.42
N PHE A 188 3.91 -3.69 -2.54
CA PHE A 188 4.72 -4.71 -3.20
C PHE A 188 6.04 -4.16 -3.75
N GLY A 189 6.10 -2.86 -4.01
CA GLY A 189 7.31 -2.25 -4.53
C GLY A 189 7.12 -0.83 -5.04
N LEU A 190 7.68 -0.54 -6.22
CA LEU A 190 7.57 0.77 -6.83
C LEU A 190 7.52 0.66 -8.35
N VAL A 203 3.83 4.33 -17.51
CA VAL A 203 3.19 3.38 -16.62
C VAL A 203 1.75 3.80 -16.31
N THR A 204 0.92 2.85 -15.87
CA THR A 204 -0.47 3.16 -15.53
C THR A 204 -0.57 3.83 -14.15
N ARG A 205 -1.45 4.82 -14.05
CA ARG A 205 -1.60 5.62 -12.84
C ARG A 205 -3.08 5.81 -12.53
N TRP A 206 -3.85 4.75 -12.74
CA TRP A 206 -5.31 4.81 -12.64
C TRP A 206 -5.82 5.23 -11.27
N TYR A 207 -5.01 4.96 -10.23
CA TYR A 207 -5.43 5.19 -8.85
C TYR A 207 -4.62 6.30 -8.21
N ARG A 208 -3.84 7.00 -9.05
CA ARG A 208 -3.01 8.07 -8.54
C ARG A 208 -3.84 9.35 -8.43
N ALA A 209 -3.53 10.15 -7.42
CA ALA A 209 -4.19 11.43 -7.22
C ALA A 209 -3.70 12.43 -8.25
N PRO A 210 -4.63 13.23 -8.82
CA PRO A 210 -4.32 14.21 -9.86
C PRO A 210 -3.16 15.12 -9.46
N GLU A 211 -3.14 15.54 -8.19
CA GLU A 211 -2.10 16.45 -7.72
C GLU A 211 -0.73 15.78 -7.73
N VAL A 212 -0.71 14.46 -7.76
CA VAL A 212 0.54 13.73 -7.93
C VAL A 212 0.90 13.61 -9.41
N ILE A 213 -0.11 13.32 -10.22
CA ILE A 213 0.11 13.13 -11.65
C ILE A 213 0.56 14.41 -12.33
N LEU A 214 0.03 15.54 -11.86
CA LEU A 214 0.23 16.83 -12.52
C LEU A 214 1.07 17.78 -11.70
N SER A 215 1.38 17.38 -10.46
CA SER A 215 2.14 18.18 -9.51
C SER A 215 1.72 19.65 -9.52
N TRP A 216 0.42 19.87 -9.59
CA TRP A 216 -0.13 21.21 -9.76
C TRP A 216 -0.39 21.90 -8.42
N MET A 217 -0.27 21.14 -7.34
CA MET A 217 -0.20 21.69 -6.00
C MET A 217 0.46 20.63 -5.11
N HIS A 218 0.85 21.01 -3.91
CA HIS A 218 1.50 20.05 -3.04
C HIS A 218 0.49 19.13 -2.36
N TYR A 219 0.86 17.86 -2.25
CA TYR A 219 -0.05 16.87 -1.73
C TYR A 219 0.07 16.66 -0.22
N ASN A 220 -0.99 16.11 0.37
CA ASN A 220 -0.96 15.71 1.76
C ASN A 220 -1.31 14.24 1.88
N GLN A 221 -1.74 13.80 3.06
CA GLN A 221 -1.99 12.38 3.27
C GLN A 221 -3.19 11.88 2.48
N THR A 222 -4.07 12.78 2.08
CA THR A 222 -5.29 12.37 1.38
C THR A 222 -5.08 11.91 -0.05
N VAL A 223 -3.82 11.89 -0.51
CA VAL A 223 -3.53 11.27 -1.80
C VAL A 223 -3.99 9.82 -1.79
N ASP A 224 -3.85 9.17 -0.64
CA ASP A 224 -4.25 7.79 -0.51
C ASP A 224 -5.76 7.67 -0.56
N ILE A 225 -6.44 8.70 -0.08
CA ILE A 225 -7.90 8.69 -0.05
C ILE A 225 -8.49 8.77 -1.45
N TRP A 226 -7.86 9.57 -2.32
CA TRP A 226 -8.25 9.57 -3.72
C TRP A 226 -8.18 8.15 -4.26
N SER A 227 -7.16 7.42 -3.85
CA SER A 227 -7.00 6.04 -4.31
C SER A 227 -8.10 5.11 -3.80
N VAL A 228 -8.52 5.30 -2.54
CA VAL A 228 -9.62 4.51 -1.97
C VAL A 228 -10.90 4.75 -2.76
N GLY A 229 -11.16 6.02 -3.08
CA GLY A 229 -12.28 6.38 -3.92
C GLY A 229 -12.28 5.66 -5.24
N CYS A 230 -11.14 5.65 -5.92
CA CYS A 230 -11.04 4.98 -7.22
C CYS A 230 -11.32 3.49 -7.11
N ILE A 231 -10.85 2.90 -6.02
CA ILE A 231 -11.00 1.47 -5.79
C ILE A 231 -12.43 1.13 -5.45
N MET A 232 -13.02 1.90 -4.54
CA MET A 232 -14.41 1.74 -4.15
C MET A 232 -15.33 1.84 -5.38
N ALA A 233 -15.11 2.87 -6.19
CA ALA A 233 -15.88 3.08 -7.42
C ALA A 233 -15.83 1.84 -8.32
N GLU A 234 -14.64 1.26 -8.44
CA GLU A 234 -14.43 0.11 -9.30
C GLU A 234 -15.19 -1.10 -8.77
N MET A 235 -15.19 -1.26 -7.45
CA MET A 235 -15.93 -2.34 -6.81
C MET A 235 -17.43 -2.16 -7.06
N LEU A 236 -17.87 -0.90 -7.02
CA LEU A 236 -19.27 -0.57 -7.27
C LEU A 236 -19.70 -0.81 -8.71
N THR A 237 -18.78 -0.61 -9.65
CA THR A 237 -19.13 -0.62 -11.07
C THR A 237 -18.61 -1.84 -11.83
N GLY A 238 -17.48 -2.37 -11.38
CA GLY A 238 -16.84 -3.46 -12.11
C GLY A 238 -15.80 -2.97 -13.11
N LYS A 239 -15.79 -1.67 -13.38
CA LYS A 239 -14.83 -1.13 -14.35
C LYS A 239 -13.95 -0.04 -13.75
N THR A 240 -12.71 0.01 -14.22
CA THR A 240 -11.74 1.01 -13.76
C THR A 240 -12.28 2.42 -14.01
N LEU A 241 -12.18 3.28 -13.00
CA LEU A 241 -12.76 4.61 -13.06
C LEU A 241 -12.03 5.55 -14.00
N PHE A 242 -10.71 5.65 -13.85
CA PHE A 242 -9.91 6.59 -14.62
C PHE A 242 -8.70 5.94 -15.32
N LYS A 243 -8.73 5.89 -16.64
CA LYS A 243 -7.56 5.46 -17.40
C LYS A 243 -7.02 6.61 -18.24
N GLY A 244 -6.37 6.29 -19.35
CA GLY A 244 -5.87 7.32 -20.25
C GLY A 244 -4.50 7.04 -20.83
N LYS A 245 -4.31 7.41 -22.10
CA LYS A 245 -3.01 7.28 -22.77
C LYS A 245 -1.94 8.06 -22.03
N ASP A 246 -2.15 9.36 -21.84
CA ASP A 246 -1.20 10.19 -21.12
C ASP A 246 -1.90 10.96 -20.01
N TYR A 247 -1.14 11.78 -19.29
CA TYR A 247 -1.66 12.47 -18.12
C TYR A 247 -2.82 13.40 -18.46
N LEU A 248 -2.74 14.07 -19.60
CA LEU A 248 -3.77 15.02 -20.02
C LEU A 248 -5.06 14.29 -20.41
N ASP A 249 -4.92 13.09 -20.96
CA ASP A 249 -6.07 12.25 -21.27
C ASP A 249 -6.71 11.72 -19.98
N GLN A 250 -5.89 11.49 -18.97
CA GLN A 250 -6.41 11.01 -17.69
C GLN A 250 -7.04 12.16 -16.92
N LEU A 251 -6.49 13.35 -17.04
CA LEU A 251 -7.08 14.53 -16.42
C LEU A 251 -8.47 14.75 -17.01
N THR A 252 -8.57 14.68 -18.32
CA THR A 252 -9.85 14.80 -19.02
C THR A 252 -10.87 13.81 -18.49
N GLN A 253 -10.46 12.56 -18.30
CA GLN A 253 -11.35 11.54 -17.78
C GLN A 253 -11.75 11.81 -16.33
N ILE A 254 -10.84 12.42 -15.57
CA ILE A 254 -11.10 12.77 -14.18
C ILE A 254 -12.13 13.90 -14.09
N LEU A 255 -11.93 14.94 -14.90
CA LEU A 255 -12.80 16.12 -14.87
C LEU A 255 -14.21 15.81 -15.34
N LYS A 256 -14.38 14.71 -16.08
CA LYS A 256 -15.70 14.23 -16.46
C LYS A 256 -16.50 13.90 -15.21
N VAL A 257 -15.81 13.39 -14.20
CA VAL A 257 -16.43 12.95 -12.97
C VAL A 257 -16.48 14.07 -11.92
N THR A 258 -15.36 14.76 -11.75
CA THR A 258 -15.26 15.81 -10.75
C THR A 258 -15.78 17.16 -11.23
N GLY A 259 -16.05 17.28 -12.52
CA GLY A 259 -16.39 18.56 -13.12
C GLY A 259 -15.20 19.49 -13.13
N VAL A 260 -15.26 20.54 -13.95
CA VAL A 260 -14.20 21.53 -13.96
C VAL A 260 -14.27 22.31 -12.64
N PRO A 261 -13.13 22.36 -11.92
CA PRO A 261 -13.07 23.03 -10.62
C PRO A 261 -13.12 24.54 -10.78
N GLY A 262 -13.78 25.21 -9.83
CA GLY A 262 -14.00 26.64 -9.92
C GLY A 262 -12.86 27.50 -9.39
N THR A 263 -13.24 28.60 -8.75
CA THR A 263 -12.31 29.66 -8.38
C THR A 263 -11.48 29.33 -7.15
N GLU A 264 -12.13 28.76 -6.14
CA GLU A 264 -11.46 28.45 -4.89
C GLU A 264 -10.33 27.45 -5.08
N PHE A 265 -10.55 26.45 -5.94
CA PHE A 265 -9.53 25.45 -6.19
C PHE A 265 -8.42 26.00 -7.09
N VAL A 266 -8.81 26.63 -8.18
CA VAL A 266 -7.87 27.19 -9.15
C VAL A 266 -6.81 28.08 -8.50
N GLN A 267 -7.23 28.88 -7.52
CA GLN A 267 -6.31 29.79 -6.82
C GLN A 267 -5.17 29.08 -6.10
N LYS A 268 -5.40 27.83 -5.72
CA LYS A 268 -4.42 27.09 -4.93
C LYS A 268 -3.34 26.44 -5.79
N LEU A 269 -3.61 26.29 -7.08
CA LEU A 269 -2.64 25.69 -7.99
C LEU A 269 -1.33 26.49 -7.98
N ASN A 270 -0.21 25.78 -7.99
CA ASN A 270 1.09 26.42 -8.08
C ASN A 270 1.64 26.34 -9.49
N ASP A 271 0.87 25.73 -10.38
CA ASP A 271 1.25 25.57 -11.77
C ASP A 271 0.45 26.54 -12.61
N LYS A 272 1.09 27.61 -13.08
CA LYS A 272 0.42 28.63 -13.86
C LYS A 272 -0.19 28.09 -15.15
N ALA A 273 0.58 27.24 -15.84
CA ALA A 273 0.10 26.65 -17.09
C ALA A 273 -1.09 25.70 -16.87
N ALA A 274 -1.16 25.12 -15.68
CA ALA A 274 -2.30 24.27 -15.34
C ALA A 274 -3.50 25.14 -14.99
N LYS A 275 -3.26 26.18 -14.19
CA LYS A 275 -4.29 27.13 -13.82
C LYS A 275 -4.93 27.72 -15.08
N SER A 276 -4.09 28.17 -16.00
CA SER A 276 -4.52 28.70 -17.29
C SER A 276 -5.37 27.68 -18.04
N TYR A 277 -4.80 26.50 -18.27
CA TYR A 277 -5.46 25.42 -19.01
C TYR A 277 -6.86 25.09 -18.46
N ILE A 278 -6.97 24.95 -17.14
CA ILE A 278 -8.26 24.69 -16.51
C ILE A 278 -9.25 25.82 -16.80
N GLN A 279 -8.81 27.05 -16.61
CA GLN A 279 -9.66 28.23 -16.83
C GLN A 279 -10.07 28.38 -18.30
N SER A 280 -9.35 27.71 -19.19
CA SER A 280 -9.63 27.78 -20.61
C SER A 280 -10.59 26.70 -21.07
N LEU A 281 -10.86 25.74 -20.19
CA LEU A 281 -11.76 24.65 -20.52
C LEU A 281 -13.21 25.10 -20.56
N PRO A 282 -14.09 24.32 -21.21
CA PRO A 282 -15.52 24.51 -20.95
C PRO A 282 -15.75 24.25 -19.47
N GLN A 283 -16.18 25.28 -18.74
CA GLN A 283 -16.37 25.16 -17.29
C GLN A 283 -17.57 24.28 -16.98
N THR A 284 -17.43 22.98 -17.27
CA THR A 284 -18.50 22.03 -17.02
C THR A 284 -18.74 21.81 -15.52
N PRO A 285 -19.95 22.11 -15.05
CA PRO A 285 -20.30 21.92 -13.62
C PRO A 285 -20.23 20.45 -13.20
N ARG A 286 -20.37 20.22 -11.90
CA ARG A 286 -19.94 18.97 -11.29
C ARG A 286 -21.08 17.98 -11.00
N LYS A 287 -20.67 16.72 -10.81
CA LYS A 287 -21.33 15.70 -9.98
C LYS A 287 -22.79 15.25 -10.21
N ASP A 288 -23.57 15.28 -9.14
CA ASP A 288 -24.67 14.35 -8.92
C ASP A 288 -24.14 12.95 -9.16
N PHE A 289 -23.40 12.45 -8.17
CA PHE A 289 -22.85 11.10 -8.21
C PHE A 289 -23.97 10.07 -8.21
N THR A 290 -25.19 10.53 -7.92
CA THR A 290 -26.37 9.71 -8.08
C THR A 290 -26.55 9.41 -9.56
N GLN A 291 -26.25 10.40 -10.39
CA GLN A 291 -26.28 10.24 -11.84
C GLN A 291 -25.08 9.43 -12.34
N LEU A 292 -23.89 9.78 -11.86
CA LEU A 292 -22.65 9.13 -12.29
C LEU A 292 -22.59 7.66 -11.87
N PHE A 293 -23.15 7.36 -10.69
CA PHE A 293 -23.21 5.99 -10.23
C PHE A 293 -24.65 5.64 -9.92
N PRO A 294 -25.44 5.37 -10.97
CA PRO A 294 -26.89 5.18 -10.90
C PRO A 294 -27.33 3.97 -10.06
N ARG A 295 -26.39 3.14 -9.64
CA ARG A 295 -26.71 2.00 -8.80
C ARG A 295 -26.36 2.22 -7.33
N ALA A 296 -25.47 3.17 -7.06
CA ALA A 296 -24.97 3.39 -5.71
C ALA A 296 -26.04 3.92 -4.76
N SER A 297 -25.95 3.51 -3.50
CA SER A 297 -26.83 4.05 -2.45
C SER A 297 -26.42 5.50 -2.17
N PRO A 298 -27.36 6.30 -1.64
CA PRO A 298 -27.08 7.70 -1.31
C PRO A 298 -25.85 7.88 -0.40
N GLN A 299 -25.65 7.00 0.56
CA GLN A 299 -24.49 7.12 1.44
C GLN A 299 -23.21 6.74 0.70
N ALA A 300 -23.31 5.79 -0.22
CA ALA A 300 -22.17 5.38 -1.03
C ALA A 300 -21.71 6.53 -1.94
N ALA A 301 -22.65 7.10 -2.69
CA ALA A 301 -22.36 8.20 -3.59
C ALA A 301 -21.84 9.42 -2.84
N ASP A 302 -22.46 9.73 -1.71
CA ASP A 302 -22.05 10.85 -0.86
C ASP A 302 -20.60 10.73 -0.39
N LEU A 303 -20.20 9.54 0.04
CA LEU A 303 -18.83 9.32 0.48
C LEU A 303 -17.87 9.36 -0.69
N LEU A 304 -18.29 8.79 -1.82
CA LEU A 304 -17.52 8.87 -3.05
C LEU A 304 -17.25 10.32 -3.39
N GLU A 305 -18.31 11.14 -3.33
CA GLU A 305 -18.23 12.57 -3.60
C GLU A 305 -17.14 13.25 -2.78
N LYS A 306 -16.94 12.76 -1.57
CA LYS A 306 -16.06 13.40 -0.61
C LYS A 306 -14.62 12.89 -0.65
N MET A 307 -14.41 11.72 -1.23
CA MET A 307 -13.08 11.18 -1.41
C MET A 307 -12.52 11.59 -2.78
N LEU A 308 -13.38 11.58 -3.80
CA LEU A 308 -12.99 12.02 -5.14
C LEU A 308 -13.02 13.55 -5.24
N GLU A 309 -12.35 14.22 -4.33
CA GLU A 309 -12.38 15.67 -4.26
C GLU A 309 -11.05 16.25 -4.71
N LEU A 310 -11.09 17.11 -5.73
CA LEU A 310 -9.87 17.69 -6.29
C LEU A 310 -9.10 18.54 -5.28
N ASP A 311 -9.82 19.35 -4.52
CA ASP A 311 -9.21 20.20 -3.49
C ASP A 311 -8.70 19.31 -2.37
N VAL A 312 -7.39 19.26 -2.22
CA VAL A 312 -6.77 18.38 -1.23
C VAL A 312 -6.99 18.86 0.19
N ASP A 313 -7.60 20.03 0.34
CA ASP A 313 -7.93 20.57 1.66
C ASP A 313 -9.36 20.18 2.03
N LYS A 314 -10.16 19.86 1.03
CA LYS A 314 -11.54 19.46 1.25
C LYS A 314 -11.69 17.94 1.26
N ARG A 315 -10.75 17.24 0.63
CA ARG A 315 -10.79 15.78 0.56
C ARG A 315 -10.73 15.15 1.96
N LEU A 316 -11.58 14.16 2.18
CA LEU A 316 -11.64 13.48 3.46
C LEU A 316 -10.30 12.87 3.84
N THR A 317 -9.99 12.91 5.12
CA THR A 317 -8.88 12.15 5.67
C THR A 317 -9.39 10.73 5.98
N ALA A 318 -8.49 9.83 6.35
CA ALA A 318 -8.89 8.48 6.71
C ALA A 318 -9.78 8.48 7.94
N ALA A 319 -9.36 9.17 8.99
CA ALA A 319 -10.14 9.25 10.24
C ALA A 319 -11.50 9.90 10.00
N GLN A 320 -11.55 10.91 9.13
CA GLN A 320 -12.82 11.54 8.79
C GLN A 320 -13.74 10.59 8.03
N ALA A 321 -13.17 9.85 7.08
CA ALA A 321 -13.95 8.94 6.25
C ALA A 321 -14.56 7.80 7.08
N LEU A 322 -13.82 7.38 8.12
CA LEU A 322 -14.27 6.31 9.00
C LEU A 322 -15.58 6.67 9.70
N THR A 323 -15.86 7.96 9.85
CA THR A 323 -17.05 8.41 10.56
C THR A 323 -18.28 8.46 9.66
N HIS A 324 -18.09 8.25 8.37
CA HIS A 324 -19.20 8.31 7.42
C HIS A 324 -20.23 7.20 7.66
N PRO A 325 -21.53 7.53 7.49
CA PRO A 325 -22.64 6.59 7.72
C PRO A 325 -22.57 5.32 6.89
N PHE A 326 -21.75 5.32 5.83
CA PHE A 326 -21.56 4.16 4.98
C PHE A 326 -20.96 2.98 5.75
N PHE A 327 -20.28 3.29 6.85
CA PHE A 327 -19.65 2.26 7.67
C PHE A 327 -20.38 2.03 8.99
N GLU A 328 -21.62 2.48 9.05
CA GLU A 328 -22.45 2.35 10.25
C GLU A 328 -22.53 0.91 10.78
N PRO A 329 -22.85 -0.07 9.91
CA PRO A 329 -22.98 -1.44 10.42
C PRO A 329 -21.67 -2.06 10.89
N PHE A 330 -20.53 -1.47 10.53
CA PHE A 330 -19.24 -2.08 10.83
C PHE A 330 -18.40 -1.29 11.82
N ARG A 331 -18.74 -0.02 12.02
CA ARG A 331 -17.82 0.86 12.73
C ARG A 331 -17.58 0.45 14.18
N ASP A 332 -16.32 0.41 14.56
CA ASP A 332 -15.92 0.21 15.96
C ASP A 332 -14.73 1.12 16.25
N PRO A 333 -14.98 2.25 16.91
CA PRO A 333 -13.97 3.28 17.20
C PRO A 333 -12.70 2.75 17.88
N GLU A 334 -12.82 1.68 18.66
CA GLU A 334 -11.67 1.07 19.32
C GLU A 334 -10.75 0.39 18.31
N GLU A 335 -11.31 -0.01 17.17
CA GLU A 335 -10.54 -0.69 16.14
C GLU A 335 -9.69 0.31 15.35
N GLU A 336 -10.09 1.56 15.41
CA GLU A 336 -9.45 2.62 14.64
C GLU A 336 -8.32 3.25 15.43
N THR A 337 -7.34 2.42 15.78
CA THR A 337 -6.19 2.85 16.56
C THR A 337 -5.26 3.74 15.75
N GLU A 338 -4.33 4.39 16.44
CA GLU A 338 -3.26 5.14 15.79
C GLU A 338 -1.93 4.51 16.16
N ALA A 339 -0.88 4.88 15.45
CA ALA A 339 0.47 4.48 15.82
C ALA A 339 0.88 5.23 17.08
N GLN A 340 1.50 4.51 18.02
CA GLN A 340 1.94 5.13 19.27
C GLN A 340 3.06 6.13 19.01
N GLN A 341 4.02 5.73 18.19
CA GLN A 341 5.14 6.59 17.82
C GLN A 341 5.20 6.77 16.31
N PRO A 342 5.68 7.93 15.85
CA PRO A 342 5.80 8.16 14.41
C PRO A 342 6.93 7.30 13.83
N PHE A 343 6.81 6.89 12.58
CA PHE A 343 7.89 6.16 11.94
C PHE A 343 9.10 7.07 11.86
N ASP A 344 10.14 6.74 12.61
CA ASP A 344 11.27 7.64 12.74
C ASP A 344 12.57 7.02 12.23
N ASP A 345 12.80 7.12 10.93
CA ASP A 345 14.06 6.70 10.35
C ASP A 345 15.01 7.88 10.23
N SER A 346 15.89 8.01 11.22
CA SER A 346 16.93 9.03 11.19
C SER A 346 17.82 8.95 9.94
N LEU A 347 17.86 7.81 9.27
CA LEU A 347 18.76 7.66 8.14
C LEU A 347 18.07 7.66 6.77
N GLU A 348 16.89 8.24 6.69
CA GLU A 348 16.20 8.34 5.41
C GLU A 348 16.96 9.30 4.51
N HIS A 349 17.83 10.11 5.13
CA HIS A 349 18.52 11.19 4.44
C HIS A 349 20.00 10.93 4.40
N GLU A 350 20.45 9.97 5.20
CA GLU A 350 21.85 9.56 5.23
C GLU A 350 22.32 8.93 3.93
N LYS A 351 23.64 8.83 3.78
CA LYS A 351 24.22 8.27 2.57
C LYS A 351 25.49 7.51 2.90
N LEU A 352 25.32 6.29 3.40
CA LEU A 352 26.47 5.49 3.83
C LEU A 352 26.82 4.43 2.80
N THR A 353 27.96 3.78 2.99
CA THR A 353 28.44 2.79 2.03
C THR A 353 27.59 1.53 2.06
N VAL A 354 27.65 0.72 1.01
CA VAL A 354 26.84 -0.48 0.96
C VAL A 354 27.18 -1.29 2.19
N ASP A 355 28.47 -1.35 2.49
CA ASP A 355 28.98 -2.04 3.66
C ASP A 355 28.35 -1.44 4.92
N GLU A 356 28.24 -0.12 4.93
CA GLU A 356 27.67 0.58 6.07
C GLU A 356 26.19 0.26 6.22
N TRP A 357 25.50 0.12 5.11
CA TRP A 357 24.08 -0.24 5.16
C TRP A 357 23.90 -1.67 5.63
N LYS A 358 24.78 -2.56 5.17
CA LYS A 358 24.77 -3.95 5.61
C LYS A 358 24.88 -4.07 7.12
N GLN A 359 25.75 -3.26 7.71
CA GLN A 359 25.99 -3.30 9.14
C GLN A 359 24.73 -2.91 9.91
N HIS A 360 24.00 -1.94 9.39
CA HIS A 360 22.77 -1.48 10.02
C HIS A 360 21.63 -2.47 9.86
N ILE A 361 21.51 -3.05 8.66
CA ILE A 361 20.52 -4.09 8.43
C ILE A 361 20.88 -5.29 9.29
N TYR A 362 22.17 -5.61 9.37
CA TYR A 362 22.66 -6.72 10.18
C TYR A 362 22.24 -6.54 11.63
N LYS A 363 22.44 -5.33 12.14
CA LYS A 363 22.09 -5.01 13.53
C LYS A 363 20.60 -5.17 13.78
N GLU A 364 19.79 -4.63 12.86
CA GLU A 364 18.33 -4.69 13.00
C GLU A 364 17.79 -6.11 13.04
N ILE A 365 18.44 -7.01 12.30
CA ILE A 365 18.02 -8.41 12.27
C ILE A 365 18.38 -9.11 13.57
N VAL A 366 19.60 -8.90 14.04
CA VAL A 366 20.09 -9.49 15.27
C VAL A 366 19.20 -9.18 16.48
N ASN A 367 18.87 -7.90 16.65
CA ASN A 367 18.10 -7.49 17.82
C ASN A 367 16.58 -7.40 17.60
N PHE A 368 16.08 -8.19 16.65
CA PHE A 368 14.64 -8.30 16.45
C PHE A 368 14.06 -9.32 17.42
N SER A 369 12.78 -9.15 17.78
CA SER A 369 12.10 -10.11 18.65
C SER A 369 10.61 -10.22 18.34
N PRO A 370 10.11 -11.46 18.17
CA PRO A 370 8.69 -11.73 17.96
C PRO A 370 7.86 -11.37 19.19
#